data_2B5D
#
_entry.id   2B5D
#
_cell.length_a   112.164
_cell.length_b   112.164
_cell.length_c   335.544
_cell.angle_alpha   90.00
_cell.angle_beta   90.00
_cell.angle_gamma   90.00
#
_symmetry.space_group_name_H-M   'I 41 2 2'
#
loop_
_entity.id
_entity.type
_entity.pdbx_description
1 polymer alpha-Amylase
2 water water
#
_entity_poly.entity_id   1
_entity_poly.type   'polypeptide(L)'
_entity_poly.pdbx_seq_one_letter_code
;MRGKILIFLHAHLPYVHHPEYDHFLEERWLFEAITETYIPLLMMFDEIEDFRLTMSITPPLMEMLSSRDLQEKYERHMEK
LIELANKEVERTKKEHPLKHKMAKFYREHFEKILNVFRSYDGNILEGFKKYQETGKLEIVTCNATHAFLPLYQMYPEVVN
AQITVGVKNYEKHMKKHPRGIWLAECGYYQGLDLYLAQNNVEYFFVDSHAFWFADEQPRYGVYRPIMTPSGVFAFARDPE
SSEQVWSAAVGYPGDPRYREFYRDIGFDREMEYIKDYIDPSGVRINTGIKYHRITSKSLDASQKEYYDIDLAMEAVEEHA
RDFLHKKESQARRLMDIMGVEPVIVAPFDAELFGHWWFEGVFFLKRFFELVNESKDLKLVTASEVIDTLEEVQIATPADS
SWGAGGYYETWLNGTNDWIYRHLHEMIERMIDLSKKYYNSSDPLVERVLNQMLRELFLAQSSDWAFIMTTRTSVQYAENR
TKLHIKRFLNLYDQLVSGRIDEEMLRYYEWTDAIFPEINFRVMARDVI
;
_entity_poly.pdbx_strand_id   X
#
# COMPACT_ATOMS: atom_id res chain seq x y z
N MET A 1 -22.53 -23.47 11.42
CA MET A 1 -21.80 -22.17 11.34
C MET A 1 -20.48 -22.28 10.53
N ARG A 2 -20.07 -21.16 9.94
CA ARG A 2 -18.85 -21.07 9.13
C ARG A 2 -17.92 -20.04 9.72
N GLY A 3 -16.62 -20.34 9.66
CA GLY A 3 -15.54 -19.41 10.01
C GLY A 3 -15.51 -18.27 9.01
N LYS A 4 -15.13 -17.08 9.48
CA LYS A 4 -15.10 -15.90 8.60
C LYS A 4 -13.66 -15.54 8.25
N ILE A 5 -13.37 -15.51 6.95
CA ILE A 5 -12.01 -15.17 6.55
C ILE A 5 -11.90 -13.77 6.05
N LEU A 6 -11.13 -12.97 6.79
CA LEU A 6 -10.94 -11.57 6.39
C LEU A 6 -9.53 -11.33 5.85
N ILE A 7 -9.43 -11.29 4.52
CA ILE A 7 -8.15 -11.03 3.85
C ILE A 7 -7.99 -9.53 3.72
N PHE A 8 -6.88 -9.03 4.20
CA PHE A 8 -6.63 -7.60 4.07
C PHE A 8 -5.33 -7.35 3.29
N LEU A 9 -5.44 -6.56 2.23
CA LEU A 9 -4.30 -6.06 1.47
C LEU A 9 -4.04 -4.59 1.73
N HIS A 10 -2.81 -4.32 2.16
CA HIS A 10 -2.30 -2.96 2.32
C HIS A 10 -1.56 -2.46 1.04
N ALA A 11 -2.20 -1.53 0.33
CA ALA A 11 -1.69 -0.91 -0.91
C ALA A 11 -1.21 0.51 -0.65
N HIS A 12 0.10 0.63 -0.56
CA HIS A 12 0.72 1.90 -0.29
C HIS A 12 2.00 2.10 -1.11
N LEU A 13 2.21 3.31 -1.60
CA LEU A 13 3.51 3.78 -2.03
C LEU A 13 3.71 5.21 -1.54
N PRO A 14 4.96 5.56 -1.16
CA PRO A 14 5.29 6.95 -0.81
C PRO A 14 4.98 7.93 -1.97
N TYR A 15 4.69 9.18 -1.63
CA TYR A 15 4.46 10.17 -2.69
C TYR A 15 5.85 10.50 -3.26
N VAL A 16 6.03 10.14 -4.51
CA VAL A 16 7.25 10.37 -5.26
C VAL A 16 6.79 11.04 -6.53
N HIS A 17 6.97 12.35 -6.57
CA HIS A 17 6.56 13.07 -7.74
C HIS A 17 7.70 13.99 -8.16
N HIS A 18 8.28 13.65 -9.30
CA HIS A 18 9.39 14.42 -9.90
C HIS A 18 9.06 14.92 -11.30
N PRO A 19 8.21 15.97 -11.37
CA PRO A 19 7.85 16.47 -12.70
C PRO A 19 9.02 17.20 -13.38
N GLU A 20 10.09 17.50 -12.63
CA GLU A 20 11.29 18.10 -13.23
C GLU A 20 12.09 17.19 -14.17
N TYR A 21 11.80 15.87 -14.15
CA TYR A 21 12.39 14.87 -15.06
C TYR A 21 11.35 14.07 -15.84
N ASP A 22 11.82 13.43 -16.92
CA ASP A 22 10.98 12.80 -17.97
C ASP A 22 10.88 11.30 -17.75
N HIS A 23 11.98 10.73 -17.23
CA HIS A 23 12.01 9.42 -16.55
C HIS A 23 12.83 9.61 -15.26
N PHE A 24 12.27 9.16 -14.14
CA PHE A 24 12.95 9.19 -12.84
C PHE A 24 12.93 7.78 -12.28
N LEU A 25 14.04 7.37 -11.67
CA LEU A 25 14.21 5.97 -11.23
C LEU A 25 13.11 5.49 -10.29
N GLU A 26 12.71 6.35 -9.35
CA GLU A 26 11.79 5.93 -8.31
C GLU A 26 10.31 6.13 -8.65
N GLU A 27 10.05 6.65 -9.84
CA GLU A 27 8.70 6.65 -10.40
C GLU A 27 8.35 5.32 -11.07
N ARG A 28 9.36 4.48 -11.31
CA ARG A 28 9.17 3.14 -11.87
C ARG A 28 8.56 2.16 -10.85
N TRP A 29 8.79 2.42 -9.56
CA TRP A 29 8.16 1.63 -8.51
C TRP A 29 6.63 1.65 -8.72
N LEU A 30 6.09 2.85 -8.83
CA LEU A 30 4.68 3.06 -9.16
C LEU A 30 4.21 2.27 -10.39
N PHE A 31 4.98 2.35 -11.46
CA PHE A 31 4.61 1.67 -12.71
C PHE A 31 4.60 0.15 -12.61
N GLU A 32 5.61 -0.41 -11.95
CA GLU A 32 5.63 -1.84 -11.64
C GLU A 32 4.46 -2.25 -10.73
N ALA A 33 4.21 -1.48 -9.66
CA ALA A 33 3.02 -1.73 -8.79
C ALA A 33 1.71 -1.72 -9.56
N ILE A 34 1.53 -0.79 -10.48
CA ILE A 34 0.30 -0.74 -11.30
C ILE A 34 0.20 -1.97 -12.19
N THR A 35 1.34 -2.32 -12.80
CA THR A 35 1.38 -3.40 -13.79
C THR A 35 1.26 -4.75 -13.13
N GLU A 36 2.06 -4.95 -12.07
CA GLU A 36 2.17 -6.24 -11.39
C GLU A 36 1.05 -6.53 -10.41
N THR A 37 0.54 -5.49 -9.74
CA THR A 37 -0.43 -5.68 -8.66
C THR A 37 -1.79 -5.04 -8.87
N TYR A 38 -1.86 -3.72 -9.04
CA TYR A 38 -3.18 -3.05 -9.02
C TYR A 38 -4.13 -3.42 -10.18
N ILE A 39 -3.62 -3.47 -11.41
CA ILE A 39 -4.49 -3.86 -12.55
C ILE A 39 -4.84 -5.37 -12.56
N PRO A 40 -3.85 -6.26 -12.31
CA PRO A 40 -4.19 -7.69 -12.15
C PRO A 40 -5.21 -7.98 -11.02
N LEU A 41 -5.25 -7.19 -9.95
CA LEU A 41 -6.36 -7.27 -8.99
C LEU A 41 -7.69 -6.92 -9.64
N LEU A 42 -7.70 -5.81 -10.36
CA LEU A 42 -8.85 -5.41 -11.14
C LEU A 42 -9.29 -6.52 -12.10
N MET A 43 -8.35 -7.07 -12.85
CA MET A 43 -8.65 -8.17 -13.75
C MET A 43 -9.25 -9.37 -13.01
N MET A 44 -8.65 -9.70 -11.89
CA MET A 44 -9.16 -10.76 -11.04
C MET A 44 -10.56 -10.50 -10.45
N PHE A 45 -10.90 -9.25 -10.12
CA PHE A 45 -12.22 -8.96 -9.55
C PHE A 45 -13.27 -9.11 -10.63
N ASP A 46 -12.90 -8.70 -11.84
CA ASP A 46 -13.74 -8.83 -13.00
C ASP A 46 -14.00 -10.30 -13.33
N GLU A 47 -12.94 -11.11 -13.37
CA GLU A 47 -13.03 -12.50 -13.81
C GLU A 47 -13.70 -13.45 -12.80
N ILE A 48 -13.35 -13.32 -11.51
CA ILE A 48 -13.95 -14.17 -10.47
C ILE A 48 -15.47 -13.96 -10.39
N GLU A 49 -16.20 -14.99 -9.95
CA GLU A 49 -17.67 -14.88 -9.85
C GLU A 49 -18.02 -14.01 -8.65
N ASP A 50 -17.37 -14.30 -7.53
CA ASP A 50 -17.65 -13.59 -6.30
C ASP A 50 -16.42 -13.61 -5.42
N PHE A 51 -16.22 -12.54 -4.66
CA PHE A 51 -15.14 -12.45 -3.69
C PHE A 51 -15.60 -11.51 -2.57
N ARG A 52 -14.88 -11.55 -1.45
CA ARG A 52 -14.94 -10.49 -0.43
C ARG A 52 -13.51 -10.13 -0.02
N LEU A 53 -13.18 -8.85 -0.07
CA LEU A 53 -11.82 -8.39 0.22
C LEU A 53 -11.84 -6.96 0.74
N THR A 54 -11.02 -6.75 1.77
CA THR A 54 -10.76 -5.44 2.31
C THR A 54 -9.34 -4.98 1.97
N MET A 55 -9.20 -3.70 1.62
CA MET A 55 -7.88 -3.17 1.31
C MET A 55 -7.80 -1.69 1.67
N SER A 56 -6.59 -1.24 1.93
CA SER A 56 -6.25 0.17 2.03
C SER A 56 -5.79 0.61 0.65
N ILE A 57 -6.12 1.85 0.30
CA ILE A 57 -5.42 2.57 -0.75
C ILE A 57 -5.05 3.87 -0.08
N THR A 58 -3.77 4.03 0.23
CA THR A 58 -3.35 5.15 1.08
C THR A 58 -3.51 6.45 0.33
N PRO A 59 -3.64 7.57 1.06
CA PRO A 59 -3.77 8.82 0.33
C PRO A 59 -2.58 9.16 -0.61
N PRO A 60 -1.29 8.92 -0.21
CA PRO A 60 -0.20 9.17 -1.19
C PRO A 60 -0.42 8.42 -2.51
N LEU A 61 -0.82 7.15 -2.41
CA LEU A 61 -1.06 6.33 -3.58
C LEU A 61 -2.31 6.76 -4.38
N MET A 62 -3.35 7.23 -3.72
CA MET A 62 -4.52 7.77 -4.47
C MET A 62 -4.14 9.06 -5.23
N GLU A 63 -3.32 9.85 -4.59
CA GLU A 63 -2.90 11.14 -5.13
C GLU A 63 -1.99 10.96 -6.37
N MET A 64 -1.14 9.91 -6.34
CA MET A 64 -0.37 9.51 -7.52
C MET A 64 -1.19 8.86 -8.63
N LEU A 65 -2.12 7.97 -8.30
CA LEU A 65 -2.87 7.29 -9.34
C LEU A 65 -3.82 8.21 -10.07
N SER A 66 -4.27 9.24 -9.38
CA SER A 66 -5.19 10.21 -9.96
C SER A 66 -4.46 11.31 -10.74
N SER A 67 -3.18 11.52 -10.45
CA SER A 67 -2.39 12.56 -11.14
C SER A 67 -2.28 12.29 -12.63
N ARG A 68 -2.91 13.10 -13.46
CA ARG A 68 -2.98 12.76 -14.89
C ARG A 68 -1.70 13.00 -15.73
N ASP A 69 -0.65 13.47 -15.07
CA ASP A 69 0.69 13.44 -15.67
C ASP A 69 1.39 12.08 -15.46
N LEU A 70 1.15 11.44 -14.32
CA LEU A 70 1.62 10.08 -14.07
C LEU A 70 0.91 9.07 -14.98
N GLN A 71 -0.38 9.27 -15.21
CA GLN A 71 -1.14 8.39 -16.09
C GLN A 71 -0.58 8.43 -17.53
N GLU A 72 -0.25 9.64 -17.99
CA GLU A 72 0.40 9.86 -19.30
C GLU A 72 1.77 9.18 -19.38
N LYS A 73 2.61 9.42 -18.38
CA LYS A 73 3.90 8.70 -18.26
C LYS A 73 3.77 7.18 -18.18
N TYR A 74 2.72 6.68 -17.52
CA TYR A 74 2.52 5.23 -17.43
C TYR A 74 2.16 4.63 -18.77
N GLU A 75 1.30 5.34 -19.51
CA GLU A 75 0.82 4.92 -20.83
C GLU A 75 2.01 4.78 -21.80
N ARG A 76 2.90 5.77 -21.74
CA ARG A 76 4.13 5.80 -22.53
C ARG A 76 5.14 4.73 -22.07
N HIS A 77 5.18 4.47 -20.76
CA HIS A 77 5.98 3.36 -20.24
C HIS A 77 5.42 2.00 -20.70
N MET A 78 4.11 1.88 -20.72
CA MET A 78 3.52 0.62 -21.13
C MET A 78 3.74 0.28 -22.60
N GLU A 79 3.76 1.33 -23.44
CA GLU A 79 4.05 1.18 -24.88
C GLU A 79 5.50 0.83 -25.16
N LYS A 80 6.42 1.56 -24.52
CA LYS A 80 7.83 1.19 -24.52
C LYS A 80 7.99 -0.30 -24.20
N LEU A 81 7.23 -0.76 -23.20
CA LEU A 81 7.30 -2.14 -22.75
C LEU A 81 6.67 -3.14 -23.73
N ILE A 82 5.52 -2.81 -24.32
CA ILE A 82 4.91 -3.66 -25.39
C ILE A 82 5.77 -3.71 -26.68
N GLU A 83 6.47 -2.61 -26.96
CA GLU A 83 7.48 -2.56 -28.03
C GLU A 83 8.61 -3.55 -27.73
N LEU A 84 9.13 -3.52 -26.49
CA LEU A 84 10.15 -4.47 -26.05
C LEU A 84 9.62 -5.89 -26.10
N ALA A 85 8.34 -6.05 -25.77
CA ALA A 85 7.72 -7.37 -25.78
C ALA A 85 7.80 -7.99 -27.17
N ASN A 86 7.45 -7.18 -28.17
CA ASN A 86 7.56 -7.56 -29.58
C ASN A 86 8.97 -7.88 -30.10
N LYS A 87 9.92 -7.00 -29.79
CA LYS A 87 11.34 -7.26 -30.05
C LYS A 87 11.74 -8.61 -29.47
N GLU A 88 11.08 -8.99 -28.38
CA GLU A 88 11.44 -10.16 -27.63
C GLU A 88 10.82 -11.43 -28.20
N VAL A 89 9.59 -11.32 -28.72
CA VAL A 89 8.95 -12.47 -29.36
C VAL A 89 9.70 -12.96 -30.62
N GLU A 90 10.33 -12.05 -31.37
CA GLU A 90 11.19 -12.43 -32.50
C GLU A 90 12.57 -12.95 -32.08
N ARG A 91 13.29 -12.19 -31.26
CA ARG A 91 14.60 -12.57 -30.75
C ARG A 91 14.59 -13.92 -30.01
N THR A 92 13.43 -14.32 -29.48
CA THR A 92 13.33 -15.59 -28.73
C THR A 92 13.04 -16.81 -29.60
N LYS A 93 12.49 -16.56 -30.79
CA LYS A 93 12.04 -17.60 -31.72
C LYS A 93 12.99 -18.80 -31.90
N LYS A 94 14.30 -18.54 -31.93
CA LYS A 94 15.26 -19.63 -32.10
C LYS A 94 15.94 -20.06 -30.77
N GLU A 95 15.54 -19.45 -29.66
CA GLU A 95 16.02 -19.80 -28.31
C GLU A 95 15.08 -20.84 -27.73
N HIS A 96 15.29 -21.21 -26.46
CA HIS A 96 14.39 -22.16 -25.76
C HIS A 96 12.89 -21.89 -25.99
N PRO A 97 12.12 -22.96 -26.27
CA PRO A 97 10.67 -22.85 -26.43
C PRO A 97 9.88 -22.30 -25.24
N LEU A 98 10.32 -22.58 -24.00
CA LEU A 98 9.71 -21.98 -22.79
C LEU A 98 9.86 -20.46 -22.85
N LYS A 99 11.08 -20.05 -23.13
CA LYS A 99 11.49 -18.67 -23.22
C LYS A 99 10.74 -17.96 -24.34
N HIS A 100 10.67 -18.60 -25.51
CA HIS A 100 9.83 -18.07 -26.63
C HIS A 100 8.36 -17.94 -26.24
N LYS A 101 7.81 -18.98 -25.63
CA LYS A 101 6.42 -19.02 -25.17
C LYS A 101 6.08 -17.88 -24.18
N MET A 102 6.96 -17.68 -23.18
CA MET A 102 6.84 -16.60 -22.21
C MET A 102 6.80 -15.23 -22.85
N ALA A 103 7.65 -15.02 -23.86
CA ALA A 103 7.73 -13.72 -24.54
C ALA A 103 6.40 -13.36 -25.18
N LYS A 104 5.65 -14.38 -25.59
CA LYS A 104 4.36 -14.16 -26.22
C LYS A 104 3.27 -13.98 -25.16
N PHE A 105 3.43 -14.67 -24.03
CA PHE A 105 2.58 -14.44 -22.87
C PHE A 105 2.71 -12.97 -22.46
N TYR A 106 3.95 -12.51 -22.36
CA TYR A 106 4.28 -11.13 -21.96
C TYR A 106 3.71 -10.05 -22.86
N ARG A 107 3.75 -10.29 -24.19
CA ARG A 107 3.13 -9.40 -25.16
C ARG A 107 1.61 -9.30 -24.98
N GLU A 108 0.93 -10.44 -24.89
CA GLU A 108 -0.53 -10.44 -24.73
C GLU A 108 -0.94 -9.79 -23.40
N HIS A 109 -0.26 -10.19 -22.33
CA HIS A 109 -0.50 -9.68 -20.97
C HIS A 109 -0.35 -8.16 -20.83
N PHE A 110 0.78 -7.63 -21.29
CA PHE A 110 1.01 -6.19 -21.25
C PHE A 110 -0.01 -5.43 -22.07
N GLU A 111 -0.44 -6.01 -23.19
CA GLU A 111 -1.46 -5.36 -24.01
C GLU A 111 -2.75 -5.27 -23.21
N LYS A 112 -3.18 -6.42 -22.67
CA LYS A 112 -4.33 -6.51 -21.76
C LYS A 112 -4.33 -5.46 -20.65
N ILE A 113 -3.19 -5.32 -19.97
CA ILE A 113 -3.03 -4.39 -18.87
C ILE A 113 -3.25 -2.94 -19.28
N LEU A 114 -2.55 -2.50 -20.34
CA LEU A 114 -2.64 -1.11 -20.84
C LEU A 114 -4.05 -0.81 -21.32
N ASN A 115 -4.72 -1.86 -21.82
CA ASN A 115 -6.10 -1.81 -22.26
C ASN A 115 -7.11 -1.64 -21.13
N VAL A 116 -6.86 -2.29 -20.00
CA VAL A 116 -7.66 -2.06 -18.79
C VAL A 116 -7.46 -0.63 -18.32
N PHE A 117 -6.21 -0.17 -18.34
CA PHE A 117 -5.88 1.19 -17.95
C PHE A 117 -6.63 2.21 -18.79
N ARG A 118 -6.80 1.88 -20.07
CA ARG A 118 -7.54 2.72 -21.01
C ARG A 118 -9.05 2.63 -20.77
N SER A 119 -9.59 1.44 -20.54
CA SER A 119 -10.99 1.26 -20.08
C SER A 119 -11.44 2.28 -19.03
N TYR A 120 -10.50 2.77 -18.22
CA TYR A 120 -10.81 3.63 -17.10
C TYR A 120 -10.28 5.04 -17.30
N ASP A 121 -10.05 5.39 -18.57
CA ASP A 121 -9.44 6.66 -18.96
C ASP A 121 -8.19 6.92 -18.13
N GLY A 122 -7.51 5.82 -17.78
CA GLY A 122 -6.28 5.89 -17.00
C GLY A 122 -6.39 6.27 -15.54
N ASN A 123 -7.61 6.30 -14.99
CA ASN A 123 -7.76 6.37 -13.53
C ASN A 123 -8.37 5.09 -13.00
N ILE A 124 -7.50 4.28 -12.41
CA ILE A 124 -7.84 2.94 -12.03
C ILE A 124 -8.53 2.93 -10.66
N LEU A 125 -8.48 4.08 -9.98
CA LEU A 125 -9.29 4.35 -8.80
C LEU A 125 -10.78 4.19 -9.06
N GLU A 126 -11.19 4.56 -10.26
CA GLU A 126 -12.54 4.39 -10.75
C GLU A 126 -12.92 2.90 -10.73
N GLY A 127 -11.97 2.03 -11.09
CA GLY A 127 -12.18 0.58 -11.02
C GLY A 127 -12.32 0.06 -9.59
N PHE A 128 -11.46 0.52 -8.71
CA PHE A 128 -11.56 0.12 -7.31
C PHE A 128 -12.86 0.65 -6.66
N LYS A 129 -13.27 1.84 -7.08
CA LYS A 129 -14.45 2.50 -6.56
C LYS A 129 -15.68 1.65 -6.91
N LYS A 130 -15.66 1.11 -8.12
CA LYS A 130 -16.77 0.36 -8.68
C LYS A 130 -16.96 -0.98 -7.97
N TYR A 131 -15.87 -1.58 -7.52
CA TYR A 131 -15.99 -2.78 -6.74
C TYR A 131 -16.40 -2.51 -5.29
N GLN A 132 -16.05 -1.34 -4.76
CA GLN A 132 -16.58 -0.98 -3.44
C GLN A 132 -18.11 -0.87 -3.51
N GLU A 133 -18.64 -0.29 -4.58
CA GLU A 133 -20.10 -0.10 -4.74
C GLU A 133 -20.88 -1.41 -4.75
N THR A 134 -20.26 -2.46 -5.27
CA THR A 134 -20.85 -3.80 -5.21
C THR A 134 -20.88 -4.39 -3.81
N GLY A 135 -19.99 -3.94 -2.92
CA GLY A 135 -19.92 -4.52 -1.56
C GLY A 135 -18.97 -5.72 -1.46
N LYS A 136 -18.43 -6.14 -2.60
CA LYS A 136 -17.45 -7.22 -2.65
C LYS A 136 -16.09 -6.74 -2.18
N LEU A 137 -15.81 -5.45 -2.43
CA LEU A 137 -14.58 -4.82 -1.97
C LEU A 137 -14.92 -3.76 -0.92
N GLU A 138 -14.06 -3.67 0.08
CA GLU A 138 -14.12 -2.67 1.13
C GLU A 138 -12.71 -2.03 1.17
N ILE A 139 -12.68 -0.71 0.96
CA ILE A 139 -11.46 0.10 0.93
C ILE A 139 -11.45 1.06 2.10
N VAL A 140 -10.44 0.89 2.96
CA VAL A 140 -10.20 1.73 4.09
C VAL A 140 -9.15 2.83 3.75
N THR A 141 -9.13 3.90 4.53
CA THR A 141 -8.17 5.00 4.31
C THR A 141 -6.92 4.71 5.13
N CYS A 142 -5.97 5.66 5.15
CA CYS A 142 -4.81 5.57 5.98
C CYS A 142 -4.48 6.98 6.45
N ASN A 143 -3.66 7.16 7.48
CA ASN A 143 -3.26 8.53 7.79
C ASN A 143 -2.57 9.22 6.59
N ALA A 144 -2.54 10.57 6.54
CA ALA A 144 -2.42 11.26 5.24
C ALA A 144 -1.10 10.90 4.54
N THR A 145 -0.08 10.68 5.37
CA THR A 145 1.22 10.53 4.80
C THR A 145 1.89 9.21 5.24
N HIS A 146 1.13 8.32 5.92
CA HIS A 146 1.63 7.02 6.38
C HIS A 146 2.75 7.29 7.37
N ALA A 147 2.59 8.37 8.13
CA ALA A 147 3.47 8.60 9.27
C ALA A 147 3.17 7.57 10.36
N PHE A 148 4.18 7.25 11.14
CA PHE A 148 4.03 6.30 12.21
C PHE A 148 3.58 7.11 13.40
N LEU A 149 2.28 6.98 13.74
CA LEU A 149 1.62 7.95 14.65
C LEU A 149 2.14 7.87 16.07
N PRO A 150 2.54 6.67 16.57
CA PRO A 150 3.12 6.63 17.92
C PRO A 150 4.42 7.42 18.08
N LEU A 151 5.14 7.66 16.99
CA LEU A 151 6.27 8.53 17.11
C LEU A 151 5.87 9.98 17.46
N TYR A 152 4.71 10.41 16.99
CA TYR A 152 4.20 11.77 17.17
C TYR A 152 3.11 11.97 18.25
N GLN A 153 2.98 11.02 19.17
CA GLN A 153 1.85 11.05 20.10
C GLN A 153 1.84 12.27 21.04
N MET A 154 3.00 12.89 21.19
CA MET A 154 3.11 14.08 21.99
C MET A 154 2.70 15.35 21.23
N TYR A 155 2.27 15.20 19.99
CA TYR A 155 1.91 16.28 19.11
C TYR A 155 0.58 15.89 18.52
N PRO A 156 -0.48 15.85 19.38
CA PRO A 156 -1.83 15.44 18.99
C PRO A 156 -2.35 16.22 17.78
N GLU A 157 -1.96 17.48 17.64
CA GLU A 157 -2.39 18.27 16.46
C GLU A 157 -1.92 17.62 15.14
N VAL A 158 -0.67 17.13 15.11
CA VAL A 158 -0.18 16.55 13.84
C VAL A 158 -0.77 15.16 13.61
N VAL A 159 -0.88 14.43 14.70
CA VAL A 159 -1.58 13.14 14.65
C VAL A 159 -3.00 13.20 14.07
N ASN A 160 -3.83 14.11 14.62
CA ASN A 160 -5.24 14.19 14.26
C ASN A 160 -5.37 14.77 12.84
N ALA A 161 -4.49 15.71 12.49
CA ALA A 161 -4.39 16.25 11.13
C ALA A 161 -3.95 15.20 10.14
N GLN A 162 -2.91 14.42 10.49
CA GLN A 162 -2.68 13.17 9.71
C GLN A 162 -3.92 12.38 9.43
N ILE A 163 -4.73 12.12 10.46
CA ILE A 163 -6.01 11.36 10.25
C ILE A 163 -7.02 12.07 9.38
N THR A 164 -7.34 13.35 9.76
CA THR A 164 -8.37 14.09 9.02
C THR A 164 -8.05 14.30 7.59
N VAL A 165 -6.78 14.63 7.31
CA VAL A 165 -6.38 14.82 5.93
C VAL A 165 -6.56 13.56 5.08
N GLY A 166 -6.17 12.39 5.64
CA GLY A 166 -6.46 11.13 4.98
C GLY A 166 -7.93 10.90 4.71
N VAL A 167 -8.75 11.15 5.76
CA VAL A 167 -10.20 10.93 5.66
C VAL A 167 -10.81 11.78 4.56
N LYS A 168 -10.49 13.09 4.58
CA LYS A 168 -10.97 14.01 3.54
C LYS A 168 -10.43 13.65 2.17
N ASN A 169 -9.16 13.25 2.10
CA ASN A 169 -8.61 12.83 0.83
C ASN A 169 -9.31 11.63 0.19
N TYR A 170 -9.61 10.64 1.03
CA TYR A 170 -10.44 9.54 0.61
C TYR A 170 -11.81 9.99 0.12
N GLU A 171 -12.49 10.84 0.90
CA GLU A 171 -13.79 11.38 0.48
C GLU A 171 -13.74 11.99 -0.93
N LYS A 172 -12.73 12.82 -1.17
CA LYS A 172 -12.50 13.47 -2.46
C LYS A 172 -12.42 12.48 -3.62
N HIS A 173 -11.62 11.43 -3.48
CA HIS A 173 -11.50 10.45 -4.55
C HIS A 173 -12.65 9.47 -4.59
N MET A 174 -13.15 9.07 -3.43
CA MET A 174 -14.08 7.96 -3.41
C MET A 174 -15.54 8.42 -3.40
N LYS A 175 -15.76 9.70 -3.10
CA LYS A 175 -17.13 10.23 -3.03
C LYS A 175 -17.97 9.54 -1.93
N LYS A 176 -17.34 9.21 -0.80
CA LYS A 176 -17.95 8.44 0.27
C LYS A 176 -17.02 8.65 1.43
N HIS A 177 -17.57 8.72 2.64
CA HIS A 177 -16.73 8.76 3.84
C HIS A 177 -16.10 7.35 4.02
N PRO A 178 -14.84 7.27 4.43
CA PRO A 178 -14.30 5.95 4.79
C PRO A 178 -14.91 5.42 6.11
N ARG A 179 -15.19 4.13 6.20
CA ARG A 179 -15.61 3.57 7.49
C ARG A 179 -14.45 3.05 8.30
N GLY A 180 -13.47 2.42 7.63
CA GLY A 180 -12.31 1.94 8.35
C GLY A 180 -11.03 2.64 7.96
N ILE A 181 -10.03 2.47 8.82
CA ILE A 181 -8.73 3.05 8.60
C ILE A 181 -7.62 2.02 8.89
N TRP A 182 -6.54 2.12 8.12
CA TRP A 182 -5.35 1.35 8.44
C TRP A 182 -4.32 2.35 8.91
N LEU A 183 -3.82 2.17 10.11
CA LEU A 183 -2.75 2.98 10.61
C LEU A 183 -1.41 2.43 10.06
N ALA A 184 -0.53 3.32 9.65
CA ALA A 184 0.82 2.95 9.17
C ALA A 184 1.51 2.09 10.22
N GLU A 185 1.97 0.89 9.81
CA GLU A 185 2.67 -0.06 10.66
C GLU A 185 1.83 -0.54 11.83
N CYS A 186 0.50 -0.50 11.69
CA CYS A 186 -0.42 -0.67 12.83
C CYS A 186 -0.03 0.11 14.10
N GLY A 187 0.68 1.21 13.92
CA GLY A 187 1.14 2.00 15.05
C GLY A 187 -0.07 2.59 15.78
N TYR A 188 -0.29 2.10 16.98
CA TYR A 188 -1.43 2.42 17.76
C TYR A 188 -0.88 2.73 19.13
N TYR A 189 -1.38 3.80 19.72
CA TYR A 189 -1.09 4.13 21.13
C TYR A 189 -2.41 4.51 21.82
N GLN A 190 -2.41 4.41 23.13
CA GLN A 190 -3.67 4.52 23.87
C GLN A 190 -4.25 5.92 23.83
N GLY A 191 -5.49 6.02 23.39
CA GLY A 191 -6.05 7.35 23.24
C GLY A 191 -6.32 7.67 21.80
N LEU A 192 -5.58 7.02 20.88
CA LEU A 192 -5.70 7.29 19.44
C LEU A 192 -7.06 6.94 18.92
N ASP A 193 -7.73 5.99 19.55
CA ASP A 193 -9.14 5.62 19.15
C ASP A 193 -10.11 6.82 19.29
N LEU A 194 -9.88 7.62 20.31
CA LEU A 194 -10.66 8.91 20.45
C LEU A 194 -10.68 9.81 19.19
N TYR A 195 -9.48 10.05 18.60
CA TYR A 195 -9.33 10.87 17.39
C TYR A 195 -9.97 10.21 16.22
N LEU A 196 -10.00 8.89 16.24
CA LEU A 196 -10.61 8.13 15.16
C LEU A 196 -12.09 8.29 15.26
N ALA A 197 -12.59 8.19 16.49
CA ALA A 197 -14.02 8.47 16.80
C ALA A 197 -14.33 9.91 16.39
N GLN A 198 -13.54 10.88 16.85
CA GLN A 198 -13.80 12.27 16.35
C GLN A 198 -13.84 12.40 14.85
N ASN A 199 -13.15 11.50 14.14
CA ASN A 199 -13.05 11.61 12.68
C ASN A 199 -14.06 10.74 11.99
N ASN A 200 -15.00 10.21 12.79
CA ASN A 200 -16.08 9.32 12.33
C ASN A 200 -15.58 8.02 11.69
N VAL A 201 -14.44 7.55 12.21
CA VAL A 201 -13.89 6.25 11.75
C VAL A 201 -14.50 5.11 12.61
N GLU A 202 -15.04 4.10 11.94
CA GLU A 202 -15.73 2.99 12.62
C GLU A 202 -14.86 1.81 13.12
N TYR A 203 -13.75 1.55 12.41
CA TYR A 203 -12.87 0.41 12.71
C TYR A 203 -11.46 0.65 12.20
N PHE A 204 -10.48 0.16 13.00
CA PHE A 204 -9.13 0.08 12.61
C PHE A 204 -8.55 -1.37 12.78
N PHE A 205 -7.28 -1.57 12.41
CA PHE A 205 -6.56 -2.88 12.53
C PHE A 205 -5.40 -2.68 13.49
N VAL A 206 -5.20 -3.64 14.39
CA VAL A 206 -4.03 -3.60 15.24
C VAL A 206 -3.26 -4.96 15.09
N ASP A 207 -2.02 -4.94 15.56
CA ASP A 207 -1.20 -6.08 15.85
C ASP A 207 -1.81 -6.87 17.00
N SER A 208 -1.51 -8.18 16.99
CA SER A 208 -1.90 -9.15 17.97
C SER A 208 -1.54 -8.75 19.36
N HIS A 209 -0.38 -8.10 19.51
CA HIS A 209 0.07 -7.65 20.83
C HIS A 209 -0.92 -6.60 21.50
N ALA A 210 -1.69 -5.92 20.65
CA ALA A 210 -2.68 -4.96 21.15
C ALA A 210 -3.75 -5.64 21.99
N PHE A 211 -4.06 -6.91 21.68
CA PHE A 211 -5.03 -7.69 22.49
C PHE A 211 -4.30 -8.45 23.58
N TRP A 212 -3.15 -9.03 23.26
CA TRP A 212 -2.44 -9.89 24.22
C TRP A 212 -1.98 -9.10 25.40
N PHE A 213 -1.67 -7.86 25.14
CA PHE A 213 -1.05 -7.09 26.19
C PHE A 213 -2.00 -6.04 26.85
N ALA A 214 -3.26 -6.05 26.44
CA ALA A 214 -4.36 -5.33 27.08
C ALA A 214 -4.49 -5.68 28.59
N ASP A 215 -5.12 -4.80 29.38
CA ASP A 215 -5.16 -5.03 30.85
C ASP A 215 -5.89 -6.32 31.20
N GLU A 216 -6.96 -6.57 30.46
CA GLU A 216 -7.57 -7.90 30.40
C GLU A 216 -7.67 -8.32 28.94
N GLN A 217 -7.18 -9.54 28.64
CA GLN A 217 -7.14 -10.02 27.28
C GLN A 217 -8.57 -10.22 26.82
N PRO A 218 -8.90 -9.78 25.60
CA PRO A 218 -10.16 -10.18 24.95
C PRO A 218 -10.47 -11.69 25.02
N ARG A 219 -11.73 -12.02 25.31
CA ARG A 219 -12.09 -13.38 25.67
C ARG A 219 -11.92 -14.37 24.52
N TYR A 220 -12.33 -13.95 23.33
CA TYR A 220 -12.12 -14.67 22.10
C TYR A 220 -10.76 -14.43 21.39
N GLY A 221 -9.71 -14.04 22.12
CA GLY A 221 -8.44 -13.60 21.53
C GLY A 221 -8.51 -12.75 20.27
N VAL A 222 -7.70 -13.07 19.24
CA VAL A 222 -7.67 -12.24 18.04
C VAL A 222 -8.72 -12.60 17.05
N TYR A 223 -9.57 -13.56 17.42
CA TYR A 223 -10.57 -14.13 16.49
C TYR A 223 -11.98 -13.56 16.61
N ARG A 224 -12.11 -12.49 17.36
CA ARG A 224 -13.24 -11.57 17.18
C ARG A 224 -12.75 -10.11 17.37
N PRO A 225 -13.31 -9.17 16.59
CA PRO A 225 -13.05 -7.77 16.87
C PRO A 225 -13.48 -7.37 18.28
N ILE A 226 -12.94 -6.29 18.79
CA ILE A 226 -13.43 -5.75 20.03
C ILE A 226 -13.97 -4.39 19.65
N MET A 227 -14.65 -3.73 20.58
CA MET A 227 -15.12 -2.34 20.39
C MET A 227 -14.45 -1.54 21.47
N THR A 228 -13.78 -0.44 21.14
CA THR A 228 -13.22 0.42 22.24
C THR A 228 -14.34 1.10 23.07
N PRO A 229 -14.03 1.50 24.32
CA PRO A 229 -15.13 2.26 24.98
C PRO A 229 -15.81 3.36 24.14
N SER A 230 -15.06 3.99 23.20
CA SER A 230 -15.45 5.10 22.32
C SER A 230 -16.34 4.69 21.17
N GLY A 231 -16.54 3.36 21.05
CA GLY A 231 -17.34 2.72 19.97
C GLY A 231 -16.62 2.38 18.68
N VAL A 232 -15.30 2.46 18.74
CA VAL A 232 -14.49 2.16 17.53
C VAL A 232 -14.11 0.64 17.57
N PHE A 233 -14.43 -0.06 16.51
CA PHE A 233 -14.08 -1.49 16.39
C PHE A 233 -12.59 -1.71 16.00
N ALA A 234 -11.86 -2.57 16.73
CA ALA A 234 -10.51 -2.97 16.36
C ALA A 234 -10.45 -4.48 15.96
N PHE A 235 -9.78 -4.79 14.85
CA PHE A 235 -9.58 -6.15 14.31
C PHE A 235 -8.12 -6.54 14.50
N ALA A 236 -7.81 -7.59 15.26
CA ALA A 236 -6.43 -7.96 15.48
C ALA A 236 -5.98 -9.06 14.49
N ARG A 237 -4.81 -8.81 13.95
CA ARG A 237 -4.03 -9.78 13.12
C ARG A 237 -4.04 -11.22 13.67
N ASP A 238 -4.39 -12.19 12.84
CA ASP A 238 -4.17 -13.62 13.17
C ASP A 238 -2.69 -13.92 12.95
N PRO A 239 -1.95 -14.18 14.03
CA PRO A 239 -0.52 -14.37 13.91
C PRO A 239 -0.16 -15.73 13.25
N GLU A 240 -1.11 -16.65 13.18
CA GLU A 240 -1.00 -17.89 12.43
C GLU A 240 -1.08 -17.64 10.95
N SER A 241 -1.67 -16.51 10.54
CA SER A 241 -1.61 -16.13 9.13
C SER A 241 -0.55 -15.03 8.87
N SER A 242 0.60 -15.07 9.57
CA SER A 242 1.66 -14.06 9.43
C SER A 242 2.37 -13.99 8.08
N GLU A 243 3.26 -12.98 7.97
CA GLU A 243 4.27 -12.77 6.90
C GLU A 243 5.05 -14.03 6.40
N GLN A 244 5.42 -14.92 7.31
CA GLN A 244 6.10 -16.18 6.97
C GLN A 244 5.41 -17.07 5.94
N VAL A 245 4.09 -17.16 5.96
CA VAL A 245 3.43 -17.93 4.90
C VAL A 245 3.68 -17.44 3.47
N TRP A 246 4.09 -16.16 3.35
CA TRP A 246 4.43 -15.56 2.04
C TRP A 246 5.90 -15.30 1.82
N SER A 247 6.72 -15.80 2.74
CA SER A 247 8.15 -15.75 2.66
C SER A 247 8.68 -16.57 1.49
N ALA A 248 9.65 -16.03 0.76
CA ALA A 248 10.41 -16.80 -0.23
C ALA A 248 11.37 -17.77 0.41
N ALA A 249 11.90 -17.41 1.57
CA ALA A 249 12.81 -18.28 2.30
C ALA A 249 12.12 -19.52 2.91
N VAL A 250 10.89 -19.35 3.41
CA VAL A 250 10.18 -20.46 4.10
C VAL A 250 8.71 -20.70 3.68
N GLY A 251 8.17 -19.93 2.76
CA GLY A 251 6.75 -20.06 2.48
C GLY A 251 6.44 -20.45 1.05
N TYR A 252 5.19 -20.35 0.68
CA TYR A 252 4.78 -20.74 -0.68
C TYR A 252 5.58 -20.07 -1.80
N PRO A 253 5.67 -18.72 -1.82
CA PRO A 253 6.42 -18.12 -2.96
C PRO A 253 7.86 -18.65 -3.22
N GLY A 254 8.50 -19.27 -2.23
CA GLY A 254 9.83 -19.83 -2.46
C GLY A 254 9.85 -21.16 -3.22
N ASP A 255 8.69 -21.64 -3.67
CA ASP A 255 8.61 -22.87 -4.47
C ASP A 255 9.43 -22.78 -5.76
N PRO A 256 10.25 -23.83 -6.04
CA PRO A 256 11.09 -23.84 -7.24
C PRO A 256 10.36 -23.64 -8.58
N ARG A 257 9.05 -23.86 -8.63
CA ARG A 257 8.27 -23.70 -9.91
C ARG A 257 7.84 -22.27 -10.18
N TYR A 258 8.10 -21.41 -9.22
CA TYR A 258 7.63 -20.04 -9.31
C TYR A 258 8.65 -19.14 -10.00
N ARG A 259 8.16 -18.08 -10.63
CA ARG A 259 8.98 -17.16 -11.38
C ARG A 259 9.99 -16.43 -10.49
N GLU A 260 11.26 -16.47 -10.91
CA GLU A 260 12.37 -15.84 -10.22
C GLU A 260 12.36 -14.32 -10.43
N PHE A 261 12.44 -13.57 -9.34
CA PHE A 261 12.32 -12.12 -9.40
C PHE A 261 13.60 -11.49 -9.97
N TYR A 262 14.73 -11.99 -9.51
CA TYR A 262 16.04 -11.39 -9.76
C TYR A 262 16.77 -11.95 -10.98
N ARG A 263 16.00 -12.28 -12.01
CA ARG A 263 16.52 -12.52 -13.35
C ARG A 263 15.62 -11.82 -14.33
N ASP A 264 16.24 -10.99 -15.16
CA ASP A 264 15.50 -10.07 -15.99
C ASP A 264 16.39 -9.80 -17.20
N ILE A 265 15.78 -9.58 -18.36
CA ILE A 265 16.54 -9.39 -19.60
C ILE A 265 17.36 -8.10 -19.63
N GLY A 266 17.08 -7.20 -18.69
CA GLY A 266 17.78 -5.93 -18.59
C GLY A 266 19.16 -6.15 -18.01
N PHE A 267 19.41 -7.35 -17.49
CA PHE A 267 20.71 -7.70 -16.92
C PHE A 267 21.41 -8.73 -17.81
N ASP A 268 20.62 -9.40 -18.65
CA ASP A 268 21.08 -10.52 -19.47
C ASP A 268 21.25 -10.18 -20.93
N ARG A 269 20.26 -9.51 -21.50
CA ARG A 269 20.31 -9.17 -22.92
C ARG A 269 21.50 -8.23 -23.20
N GLU A 270 22.05 -8.34 -24.40
CA GLU A 270 23.22 -7.53 -24.82
C GLU A 270 22.89 -6.05 -24.82
N MET A 271 23.88 -5.26 -24.38
CA MET A 271 23.75 -3.82 -24.15
C MET A 271 23.16 -2.99 -25.31
N GLU A 272 23.58 -3.29 -26.54
CA GLU A 272 23.10 -2.54 -27.70
C GLU A 272 21.64 -2.86 -27.99
N TYR A 273 21.26 -4.11 -27.74
CA TYR A 273 19.88 -4.56 -27.83
C TYR A 273 18.97 -3.82 -26.83
N ILE A 274 19.46 -3.71 -25.59
CA ILE A 274 18.62 -3.39 -24.43
C ILE A 274 18.65 -1.92 -23.98
N LYS A 275 19.53 -1.12 -24.61
CA LYS A 275 19.89 0.26 -24.21
C LYS A 275 18.74 1.21 -23.81
N ASP A 276 17.72 1.33 -24.65
CA ASP A 276 16.64 2.27 -24.36
C ASP A 276 15.41 1.63 -23.69
N TYR A 277 15.66 0.66 -22.82
CA TYR A 277 14.65 0.09 -21.92
C TYR A 277 15.20 0.02 -20.50
N ILE A 278 16.51 0.23 -20.37
CA ILE A 278 17.11 0.46 -19.05
C ILE A 278 17.17 1.96 -18.74
N ASP A 279 17.96 2.33 -17.74
CA ASP A 279 18.16 3.72 -17.35
C ASP A 279 18.86 4.54 -18.46
N PRO A 280 18.41 5.79 -18.69
CA PRO A 280 19.06 6.72 -19.65
C PRO A 280 20.54 6.94 -19.30
N SER A 281 20.88 6.72 -18.04
CA SER A 281 22.25 6.71 -17.53
C SER A 281 23.09 5.57 -18.12
N GLY A 282 22.43 4.57 -18.72
CA GLY A 282 23.10 3.37 -19.25
C GLY A 282 23.22 2.21 -18.25
N VAL A 283 22.84 2.44 -16.99
CA VAL A 283 22.86 1.40 -15.94
C VAL A 283 21.71 0.39 -16.07
N ARG A 284 22.08 -0.89 -15.91
CA ARG A 284 21.17 -2.04 -15.99
C ARG A 284 20.14 -2.00 -14.87
N ILE A 285 18.87 -2.16 -15.24
CA ILE A 285 17.76 -2.25 -14.27
C ILE A 285 16.78 -3.31 -14.75
N ASN A 286 15.75 -3.59 -13.92
CA ASN A 286 14.68 -4.53 -14.26
C ASN A 286 13.73 -3.95 -15.31
N THR A 287 13.27 -4.82 -16.21
CA THR A 287 12.39 -4.45 -17.31
C THR A 287 10.97 -4.90 -17.05
N GLY A 288 10.84 -6.02 -16.34
CA GLY A 288 9.52 -6.59 -16.09
C GLY A 288 9.28 -7.86 -16.90
N ILE A 289 10.14 -8.09 -17.87
CA ILE A 289 10.10 -9.36 -18.57
C ILE A 289 11.25 -10.29 -18.14
N LYS A 290 10.83 -11.38 -17.51
CA LYS A 290 11.68 -12.30 -16.76
C LYS A 290 11.35 -13.75 -17.14
N TYR A 291 12.37 -14.57 -17.38
CA TYR A 291 12.20 -15.90 -17.98
C TYR A 291 12.54 -17.12 -17.12
N HIS A 292 13.09 -16.91 -15.93
CA HIS A 292 13.51 -18.02 -15.09
C HIS A 292 12.57 -18.29 -13.92
N ARG A 293 12.56 -19.56 -13.50
CA ARG A 293 11.88 -19.93 -12.27
C ARG A 293 12.92 -20.02 -11.15
N ILE A 294 12.46 -20.02 -9.90
CA ILE A 294 13.36 -20.05 -8.75
C ILE A 294 14.31 -21.26 -8.81
N THR A 295 13.79 -22.42 -9.26
CA THR A 295 14.58 -23.63 -9.59
C THR A 295 15.04 -24.48 -8.40
N SER A 296 15.63 -23.84 -7.38
CA SER A 296 16.23 -24.58 -6.27
C SER A 296 16.77 -23.59 -5.26
N LYS A 297 17.26 -24.10 -4.15
CA LYS A 297 17.85 -23.29 -3.10
C LYS A 297 19.28 -22.87 -3.36
N SER A 298 19.74 -23.07 -4.59
CA SER A 298 21.14 -22.79 -4.89
C SER A 298 21.43 -21.30 -4.78
N LEU A 299 22.63 -21.00 -4.27
CA LEU A 299 23.21 -19.67 -4.26
C LEU A 299 23.76 -19.29 -5.62
N ASP A 300 23.93 -20.28 -6.50
CA ASP A 300 24.38 -20.06 -7.86
C ASP A 300 23.22 -19.71 -8.78
N ALA A 301 22.95 -18.42 -8.90
CA ALA A 301 21.81 -17.92 -9.69
C ALA A 301 21.90 -18.23 -11.19
N SER A 302 23.12 -18.52 -11.67
CA SER A 302 23.33 -18.87 -13.08
C SER A 302 22.75 -20.25 -13.45
N GLN A 303 22.49 -21.08 -12.44
CA GLN A 303 21.97 -22.42 -12.69
C GLN A 303 20.44 -22.49 -12.79
N LYS A 304 19.80 -21.32 -12.87
CA LYS A 304 18.35 -21.21 -12.90
C LYS A 304 17.70 -21.61 -14.22
N GLU A 305 16.66 -22.42 -14.11
CA GLU A 305 15.95 -22.90 -15.28
C GLU A 305 14.86 -21.97 -15.73
N TYR A 306 14.46 -22.14 -16.98
CA TYR A 306 13.43 -21.31 -17.58
C TYR A 306 12.05 -21.51 -16.98
N TYR A 307 11.31 -20.42 -16.87
CA TYR A 307 9.97 -20.41 -16.31
C TYR A 307 8.97 -21.14 -17.20
N ASP A 308 8.25 -22.07 -16.58
CA ASP A 308 7.12 -22.75 -17.19
C ASP A 308 5.87 -22.38 -16.40
N ILE A 309 5.00 -21.59 -17.03
CA ILE A 309 3.80 -21.08 -16.39
C ILE A 309 2.74 -22.12 -16.08
N ASP A 310 2.88 -23.34 -16.59
CA ASP A 310 1.89 -24.36 -16.35
C ASP A 310 2.18 -25.09 -15.09
N LEU A 311 3.46 -25.40 -14.87
CA LEU A 311 3.90 -25.94 -13.60
C LEU A 311 3.67 -24.93 -12.45
N ALA A 312 3.89 -23.65 -12.75
CA ALA A 312 3.69 -22.57 -11.82
C ALA A 312 2.24 -22.57 -11.35
N MET A 313 1.29 -22.74 -12.31
CA MET A 313 -0.15 -22.89 -12.00
C MET A 313 -0.45 -24.15 -11.20
N GLU A 314 0.35 -25.18 -11.37
CA GLU A 314 0.13 -26.40 -10.64
C GLU A 314 0.48 -26.17 -9.18
N ALA A 315 1.61 -25.48 -8.97
CA ALA A 315 2.01 -24.96 -7.66
C ALA A 315 0.94 -24.07 -7.01
N VAL A 316 0.31 -23.13 -7.74
CA VAL A 316 -0.68 -22.28 -7.05
C VAL A 316 -1.87 -23.12 -6.61
N GLU A 317 -2.24 -24.10 -7.44
CA GLU A 317 -3.35 -24.99 -7.14
C GLU A 317 -3.11 -25.79 -5.84
N GLU A 318 -1.90 -26.30 -5.69
CA GLU A 318 -1.49 -26.97 -4.47
C GLU A 318 -1.45 -26.08 -3.23
N HIS A 319 -0.83 -24.91 -3.40
CA HIS A 319 -0.65 -23.98 -2.31
C HIS A 319 -2.00 -23.44 -1.84
N ALA A 320 -2.86 -23.11 -2.78
CA ALA A 320 -4.18 -22.57 -2.45
C ALA A 320 -5.04 -23.61 -1.68
N ARG A 321 -4.81 -24.90 -1.93
CA ARG A 321 -5.53 -25.94 -1.19
C ARG A 321 -4.84 -26.21 0.12
N ASP A 322 -3.53 -26.04 0.18
CA ASP A 322 -2.86 -26.10 1.46
C ASP A 322 -3.44 -25.02 2.40
N PHE A 323 -3.47 -23.78 1.93
CA PHE A 323 -3.90 -22.70 2.75
C PHE A 323 -5.37 -22.85 3.18
N LEU A 324 -6.24 -23.15 2.20
CA LEU A 324 -7.63 -23.56 2.46
C LEU A 324 -7.78 -24.59 3.57
N HIS A 325 -7.08 -25.72 3.44
CA HIS A 325 -7.17 -26.76 4.45
C HIS A 325 -6.67 -26.28 5.78
N LYS A 326 -5.59 -25.51 5.81
CA LYS A 326 -5.18 -24.87 7.09
C LYS A 326 -6.24 -23.92 7.74
N LYS A 327 -7.00 -23.20 6.92
CA LYS A 327 -7.96 -22.22 7.48
C LYS A 327 -9.25 -22.92 7.95
N GLU A 328 -9.60 -24.00 7.25
CA GLU A 328 -10.74 -24.84 7.61
C GLU A 328 -10.44 -25.57 8.89
N SER A 329 -9.29 -26.19 8.91
CA SER A 329 -8.87 -26.80 10.14
C SER A 329 -8.92 -25.77 11.31
N GLN A 330 -8.35 -24.58 11.11
CA GLN A 330 -8.30 -23.54 12.19
C GLN A 330 -9.71 -23.05 12.59
N ALA A 331 -10.57 -22.81 11.60
CA ALA A 331 -11.95 -22.48 11.85
C ALA A 331 -12.69 -23.49 12.72
N ARG A 332 -12.58 -24.78 12.37
CA ARG A 332 -13.35 -25.81 13.04
C ARG A 332 -12.91 -25.92 14.48
N ARG A 333 -11.60 -25.91 14.70
CA ARG A 333 -11.04 -25.95 16.03
C ARG A 333 -11.52 -24.75 16.89
N LEU A 334 -11.64 -23.57 16.26
CA LEU A 334 -11.99 -22.34 16.94
C LEU A 334 -13.47 -22.30 17.26
N MET A 335 -14.34 -22.64 16.30
CA MET A 335 -15.77 -22.77 16.53
C MET A 335 -16.04 -23.69 17.73
N ASP A 336 -15.40 -24.86 17.71
CA ASP A 336 -15.58 -25.82 18.78
C ASP A 336 -15.12 -25.27 20.14
N ILE A 337 -14.02 -24.50 20.19
CA ILE A 337 -13.55 -23.90 21.45
C ILE A 337 -14.31 -22.61 21.86
N MET A 338 -14.85 -21.87 20.89
CA MET A 338 -15.41 -20.54 21.11
C MET A 338 -16.91 -20.54 21.27
N GLY A 339 -17.62 -21.21 20.36
CA GLY A 339 -19.05 -21.23 20.42
C GLY A 339 -19.65 -20.12 19.59
N VAL A 340 -18.79 -19.33 18.98
CA VAL A 340 -19.25 -18.41 17.94
C VAL A 340 -18.27 -18.46 16.75
N GLU A 341 -18.67 -17.91 15.63
CA GLU A 341 -17.87 -17.89 14.42
C GLU A 341 -16.56 -17.04 14.60
N PRO A 342 -15.37 -17.66 14.38
CA PRO A 342 -14.12 -16.90 14.40
C PRO A 342 -14.05 -15.96 13.21
N VAL A 343 -13.42 -14.81 13.40
CA VAL A 343 -13.04 -14.03 12.23
C VAL A 343 -11.54 -13.95 12.17
N ILE A 344 -11.01 -14.48 11.09
CA ILE A 344 -9.57 -14.73 11.00
C ILE A 344 -9.08 -13.57 10.19
N VAL A 345 -8.29 -12.72 10.84
CA VAL A 345 -7.83 -11.49 10.14
C VAL A 345 -6.41 -11.66 9.63
N ALA A 346 -6.30 -11.59 8.31
CA ALA A 346 -5.02 -11.87 7.61
C ALA A 346 -4.64 -10.75 6.63
N PRO A 347 -3.85 -9.77 7.11
CA PRO A 347 -3.35 -8.66 6.33
C PRO A 347 -2.00 -8.87 5.68
N PHE A 348 -1.89 -8.47 4.43
CA PHE A 348 -0.63 -8.54 3.72
C PHE A 348 -0.41 -7.27 2.97
N ASP A 349 0.86 -6.90 2.92
CA ASP A 349 1.35 -5.97 1.93
C ASP A 349 0.89 -6.32 0.51
N ALA A 350 0.21 -5.42 -0.17
CA ALA A 350 -0.37 -5.73 -1.49
C ALA A 350 0.61 -6.22 -2.56
N GLU A 351 1.82 -5.65 -2.56
CA GLU A 351 2.85 -5.91 -3.59
C GLU A 351 3.45 -7.30 -3.48
N LEU A 352 3.27 -7.91 -2.28
CA LEU A 352 3.58 -9.30 -2.11
C LEU A 352 2.78 -10.13 -3.14
N PHE A 353 1.63 -9.65 -3.61
CA PHE A 353 0.82 -10.44 -4.55
C PHE A 353 0.92 -9.87 -5.95
N GLY A 354 1.70 -10.54 -6.79
CA GLY A 354 1.86 -10.10 -8.17
C GLY A 354 3.19 -9.44 -8.43
N HIS A 355 3.77 -8.80 -7.41
CA HIS A 355 5.02 -8.12 -7.61
C HIS A 355 6.24 -8.87 -7.06
N TRP A 356 6.33 -9.05 -5.75
CA TRP A 356 7.36 -9.95 -5.21
C TRP A 356 7.14 -11.40 -5.66
N TRP A 357 5.88 -11.79 -5.65
CA TRP A 357 5.44 -13.10 -6.06
C TRP A 357 4.54 -12.93 -7.27
N PHE A 358 5.05 -13.31 -8.43
CA PHE A 358 4.39 -13.05 -9.71
C PHE A 358 3.01 -13.70 -9.79
N GLU A 359 2.89 -14.88 -9.18
CA GLU A 359 1.70 -15.72 -9.26
C GLU A 359 0.72 -15.43 -8.13
N GLY A 360 1.06 -14.47 -7.27
CA GLY A 360 0.24 -14.09 -6.13
C GLY A 360 -1.23 -13.80 -6.38
N VAL A 361 -1.55 -13.09 -7.45
CA VAL A 361 -2.98 -12.77 -7.61
C VAL A 361 -3.76 -14.01 -8.08
N PHE A 362 -3.08 -14.87 -8.86
CA PHE A 362 -3.58 -16.18 -9.29
C PHE A 362 -3.91 -17.00 -8.07
N PHE A 363 -2.97 -17.06 -7.12
CA PHE A 363 -3.21 -17.65 -5.80
C PHE A 363 -4.44 -17.04 -5.07
N LEU A 364 -4.49 -15.71 -5.01
CA LEU A 364 -5.62 -15.05 -4.41
C LEU A 364 -6.94 -15.45 -5.01
N LYS A 365 -6.95 -15.63 -6.33
CA LYS A 365 -8.17 -15.93 -7.04
C LYS A 365 -8.61 -17.37 -6.77
N ARG A 366 -7.65 -18.27 -6.74
CA ARG A 366 -7.95 -19.66 -6.51
C ARG A 366 -8.38 -19.87 -5.08
N PHE A 367 -7.76 -19.14 -4.15
CA PHE A 367 -8.12 -19.25 -2.74
C PHE A 367 -9.51 -18.72 -2.50
N PHE A 368 -9.89 -17.64 -3.18
CA PHE A 368 -11.25 -17.12 -3.04
C PHE A 368 -12.26 -18.14 -3.54
N GLU A 369 -12.02 -18.70 -4.72
CA GLU A 369 -12.94 -19.65 -5.33
C GLU A 369 -13.12 -20.89 -4.46
N LEU A 370 -12.02 -21.34 -3.87
CA LEU A 370 -12.02 -22.46 -2.95
C LEU A 370 -12.79 -22.15 -1.67
N VAL A 371 -12.56 -20.96 -1.09
CA VAL A 371 -13.31 -20.55 0.11
C VAL A 371 -14.77 -20.44 -0.22
N ASN A 372 -15.09 -19.89 -1.39
CA ASN A 372 -16.46 -19.83 -1.86
C ASN A 372 -17.15 -21.22 -1.86
N GLU A 373 -16.47 -22.27 -2.34
CA GLU A 373 -17.01 -23.61 -2.32
C GLU A 373 -17.02 -24.25 -0.96
N SER A 374 -16.03 -23.94 -0.12
CA SER A 374 -15.95 -24.50 1.25
C SER A 374 -17.24 -24.40 2.05
N LYS A 375 -17.54 -25.49 2.75
CA LYS A 375 -18.67 -25.55 3.67
C LYS A 375 -18.25 -25.14 5.10
N ASP A 376 -16.96 -24.92 5.30
CA ASP A 376 -16.44 -24.57 6.63
C ASP A 376 -16.15 -23.03 6.77
N LEU A 377 -16.32 -22.27 5.68
CA LEU A 377 -15.64 -20.97 5.52
C LEU A 377 -16.38 -20.05 4.61
N LYS A 378 -16.33 -18.78 4.97
CA LYS A 378 -16.93 -17.69 4.24
C LYS A 378 -15.90 -16.55 4.13
N LEU A 379 -15.82 -15.91 2.96
CA LEU A 379 -15.08 -14.67 2.85
C LEU A 379 -15.99 -13.56 3.38
N VAL A 380 -15.44 -12.67 4.22
CA VAL A 380 -16.13 -11.45 4.69
C VAL A 380 -15.25 -10.22 4.44
N THR A 381 -15.86 -9.04 4.32
CA THR A 381 -15.08 -7.80 4.37
C THR A 381 -15.22 -7.32 5.81
N ALA A 382 -14.44 -6.34 6.21
CA ALA A 382 -14.46 -5.89 7.58
C ALA A 382 -15.74 -5.11 7.93
N SER A 383 -16.30 -4.40 6.96
CA SER A 383 -17.51 -3.65 7.21
C SER A 383 -18.73 -4.61 7.30
N GLU A 384 -18.72 -5.71 6.55
CA GLU A 384 -19.73 -6.78 6.77
C GLU A 384 -19.71 -7.28 8.20
N VAL A 385 -18.53 -7.52 8.75
CA VAL A 385 -18.52 -8.02 10.10
C VAL A 385 -19.00 -7.04 11.18
N ILE A 386 -18.67 -5.75 11.05
CA ILE A 386 -19.12 -4.77 12.07
C ILE A 386 -20.64 -4.54 11.98
N ASP A 387 -21.18 -4.73 10.77
CA ASP A 387 -22.61 -4.61 10.46
C ASP A 387 -23.44 -5.85 10.86
N THR A 388 -22.76 -6.97 11.14
CA THR A 388 -23.38 -8.24 11.41
C THR A 388 -23.22 -8.68 12.87
N LEU A 389 -22.13 -8.32 13.51
CA LEU A 389 -21.88 -8.91 14.83
C LEU A 389 -22.72 -8.37 15.97
N GLU A 390 -23.29 -9.26 16.76
CA GLU A 390 -24.10 -8.86 17.90
C GLU A 390 -23.39 -8.98 19.24
N GLU A 391 -22.64 -10.05 19.44
CA GLU A 391 -21.82 -10.08 20.62
C GLU A 391 -20.45 -9.59 20.19
N VAL A 392 -20.00 -8.53 20.84
CA VAL A 392 -18.63 -8.08 20.75
C VAL A 392 -18.32 -7.52 22.09
N GLN A 393 -17.16 -7.89 22.60
CA GLN A 393 -16.64 -7.44 23.86
C GLN A 393 -16.09 -6.00 23.74
N ILE A 394 -16.04 -5.29 24.87
CA ILE A 394 -15.51 -3.95 24.90
C ILE A 394 -14.15 -4.00 25.58
N ALA A 395 -13.14 -3.42 24.95
CA ALA A 395 -11.80 -3.55 25.52
C ALA A 395 -10.99 -2.37 25.09
N THR A 396 -9.95 -2.07 25.85
CA THR A 396 -9.02 -1.08 25.33
C THR A 396 -7.67 -1.68 24.88
N PRO A 397 -7.34 -1.58 23.58
CA PRO A 397 -6.08 -2.10 23.01
C PRO A 397 -4.83 -1.49 23.64
N ALA A 398 -3.76 -2.29 23.72
CA ALA A 398 -2.52 -1.83 24.31
C ALA A 398 -1.71 -1.12 23.22
N ASP A 399 -0.81 -0.22 23.58
CA ASP A 399 0.13 0.40 22.63
C ASP A 399 0.81 -0.70 21.86
N SER A 400 0.90 -0.55 20.54
CA SER A 400 1.44 -1.60 19.77
C SER A 400 1.67 -1.21 18.32
N SER A 401 2.45 -2.04 17.61
CA SER A 401 2.50 -2.04 16.14
C SER A 401 2.90 -3.40 15.52
N TRP A 402 2.64 -3.57 14.24
CA TRP A 402 3.08 -4.72 13.50
C TRP A 402 4.54 -4.42 13.08
N GLY A 403 5.49 -4.65 14.00
CA GLY A 403 6.67 -3.81 14.01
C GLY A 403 8.03 -4.38 13.63
N ALA A 404 8.72 -3.62 12.77
CA ALA A 404 10.15 -3.80 12.45
C ALA A 404 10.72 -2.50 11.90
N THR A 415 22.45 8.46 17.12
CA THR A 415 21.84 9.70 16.63
C THR A 415 20.89 9.47 15.45
N ASN A 416 21.03 10.30 14.41
CA ASN A 416 20.00 10.52 13.39
C ASN A 416 18.83 11.26 14.10
N ASP A 417 19.17 12.43 14.63
CA ASP A 417 18.27 13.21 15.49
C ASP A 417 18.38 14.73 15.26
N TRP A 418 19.14 15.08 14.22
CA TRP A 418 19.03 16.38 13.58
C TRP A 418 17.63 16.43 12.94
N ILE A 419 17.22 15.29 12.36
CA ILE A 419 15.91 15.15 11.77
C ILE A 419 14.79 15.34 12.80
N TYR A 420 14.98 14.80 14.00
CA TYR A 420 14.00 14.86 15.05
C TYR A 420 13.79 16.26 15.64
N ARG A 421 14.87 16.95 16.03
CA ARG A 421 14.67 18.31 16.54
C ARG A 421 14.13 19.22 15.47
N HIS A 422 14.42 18.94 14.21
CA HIS A 422 13.78 19.70 13.15
C HIS A 422 12.30 19.41 13.01
N LEU A 423 11.92 18.14 13.16
CA LEU A 423 10.51 17.78 13.16
C LEU A 423 9.76 18.44 14.33
N HIS A 424 10.34 18.36 15.52
CA HIS A 424 9.83 19.02 16.69
C HIS A 424 9.54 20.51 16.43
N GLU A 425 10.55 21.26 15.95
CA GLU A 425 10.36 22.70 15.65
C GLU A 425 9.35 22.93 14.53
N MET A 426 9.40 22.11 13.49
CA MET A 426 8.40 22.31 12.41
C MET A 426 6.93 22.16 12.86
N ILE A 427 6.67 21.23 13.78
CA ILE A 427 5.29 20.92 14.22
C ILE A 427 4.85 22.06 15.10
N GLU A 428 5.71 22.40 16.08
CA GLU A 428 5.52 23.51 17.00
C GLU A 428 5.30 24.83 16.25
N ARG A 429 6.11 25.10 15.21
CA ARG A 429 5.94 26.32 14.44
C ARG A 429 4.69 26.26 13.61
N MET A 430 4.42 25.11 13.01
CA MET A 430 3.22 24.96 12.15
C MET A 430 1.91 25.27 12.89
N ILE A 431 1.90 24.96 14.19
CA ILE A 431 0.72 25.06 15.03
C ILE A 431 0.50 26.53 15.38
N ASP A 432 1.54 27.16 15.95
CA ASP A 432 1.63 28.62 16.10
C ASP A 432 1.10 29.38 14.92
N LEU A 433 1.66 29.17 13.75
CA LEU A 433 1.25 29.95 12.61
C LEU A 433 -0.17 29.66 12.14
N SER A 434 -0.66 28.44 12.37
CA SER A 434 -2.00 28.10 11.89
C SER A 434 -3.04 28.84 12.77
N LYS A 435 -2.71 29.01 14.04
CA LYS A 435 -3.55 29.72 14.99
C LYS A 435 -3.42 31.23 14.72
N LYS A 436 -2.18 31.74 14.66
CA LYS A 436 -1.92 33.13 14.26
C LYS A 436 -2.63 33.58 12.98
N TYR A 437 -2.71 32.74 11.96
CA TYR A 437 -3.36 33.17 10.71
C TYR A 437 -4.67 32.48 10.49
N TYR A 438 -5.26 31.99 11.58
CA TYR A 438 -6.56 31.31 11.50
C TYR A 438 -7.59 32.09 10.71
N ASN A 439 -7.69 33.39 11.02
CA ASN A 439 -8.68 34.27 10.42
C ASN A 439 -8.24 35.16 9.26
N SER A 440 -6.97 35.02 8.86
CA SER A 440 -6.46 35.62 7.63
C SER A 440 -7.35 35.34 6.41
N SER A 441 -7.44 36.32 5.51
CA SER A 441 -8.08 36.08 4.20
C SER A 441 -7.06 36.31 3.06
N ASP A 442 -5.78 36.49 3.43
CA ASP A 442 -4.69 36.64 2.46
C ASP A 442 -4.36 35.29 1.75
N PRO A 443 -4.69 35.15 0.44
CA PRO A 443 -4.58 33.85 -0.23
C PRO A 443 -3.13 33.44 -0.55
N LEU A 444 -2.20 34.37 -0.35
CA LEU A 444 -0.78 34.09 -0.55
C LEU A 444 -0.24 33.43 0.72
N VAL A 445 -0.53 34.03 1.87
CA VAL A 445 -0.17 33.46 3.18
C VAL A 445 -0.74 32.05 3.36
N GLU A 446 -1.92 31.85 2.79
CA GLU A 446 -2.66 30.62 2.88
C GLU A 446 -2.01 29.55 2.02
N ARG A 447 -1.74 29.87 0.75
CA ARG A 447 -0.91 29.04 -0.11
C ARG A 447 0.44 28.64 0.55
N VAL A 448 1.04 29.57 1.28
CA VAL A 448 2.33 29.31 1.91
C VAL A 448 2.17 28.33 3.07
N LEU A 449 1.16 28.58 3.88
CA LEU A 449 0.90 27.77 5.04
C LEU A 449 0.43 26.37 4.60
N ASN A 450 -0.37 26.30 3.56
CA ASN A 450 -0.78 25.05 2.98
C ASN A 450 0.38 24.18 2.45
N GLN A 451 1.40 24.81 1.85
CA GLN A 451 2.58 24.08 1.35
C GLN A 451 3.50 23.74 2.51
N MET A 452 3.59 24.60 3.50
CA MET A 452 4.32 24.17 4.68
C MET A 452 3.79 22.85 5.27
N LEU A 453 2.47 22.70 5.34
CA LEU A 453 1.88 21.50 5.95
C LEU A 453 2.17 20.27 5.12
N ARG A 454 2.09 20.42 3.80
CA ARG A 454 2.46 19.37 2.87
C ARG A 454 3.89 18.91 3.05
N GLU A 455 4.78 19.88 3.16
CA GLU A 455 6.20 19.66 3.36
C GLU A 455 6.44 18.88 4.66
N LEU A 456 5.79 19.35 5.71
CA LEU A 456 5.82 18.71 7.04
C LEU A 456 5.30 17.25 6.99
N PHE A 457 4.21 17.00 6.26
CA PHE A 457 3.60 15.71 6.20
C PHE A 457 4.55 14.80 5.39
N LEU A 458 5.02 15.33 4.28
CA LEU A 458 5.94 14.64 3.39
C LEU A 458 7.21 14.24 4.15
N ALA A 459 7.77 15.12 4.95
CA ALA A 459 8.85 14.74 5.86
C ALA A 459 8.54 13.67 6.94
N GLN A 460 7.23 13.42 7.20
CA GLN A 460 6.78 12.44 8.21
C GLN A 460 6.64 11.02 7.67
N SER A 461 6.48 10.86 6.36
CA SER A 461 6.42 9.53 5.74
C SER A 461 7.32 8.52 6.47
N SER A 462 6.72 7.40 6.89
CA SER A 462 7.43 6.35 7.66
C SER A 462 8.43 5.64 6.75
N ASP A 463 8.00 5.44 5.51
CA ASP A 463 8.85 5.15 4.35
C ASP A 463 10.27 5.73 4.37
N TRP A 464 10.41 7.03 4.71
CA TRP A 464 11.74 7.64 4.80
C TRP A 464 12.49 7.40 6.12
N ALA A 465 11.97 6.51 6.98
CA ALA A 465 12.44 6.46 8.38
C ALA A 465 12.91 5.07 8.84
N PHE A 466 12.06 4.08 8.60
CA PHE A 466 12.34 2.67 8.84
C PHE A 466 11.47 2.01 7.81
N ILE A 467 11.89 2.14 6.54
CA ILE A 467 10.97 2.01 5.42
C ILE A 467 10.57 0.60 5.04
N MET A 468 9.65 0.52 4.09
CA MET A 468 9.44 -0.72 3.35
C MET A 468 9.96 -0.46 1.92
N THR A 469 11.17 0.11 1.85
CA THR A 469 11.83 0.42 0.59
C THR A 469 12.61 -0.77 0.07
N THR A 470 12.18 -1.25 -1.11
CA THR A 470 12.72 -2.47 -1.75
C THR A 470 14.23 -2.33 -2.08
N ARG A 471 14.53 -1.72 -3.22
CA ARG A 471 15.85 -1.18 -3.50
C ARG A 471 15.79 0.30 -3.17
N THR A 472 15.62 0.63 -1.88
CA THR A 472 15.58 2.00 -1.38
C THR A 472 16.90 2.48 -0.78
N SER A 473 17.36 1.80 0.28
CA SER A 473 18.60 2.13 0.99
C SER A 473 18.59 3.49 1.67
N VAL A 474 18.79 3.52 2.99
CA VAL A 474 18.74 4.77 3.78
C VAL A 474 19.59 5.90 3.21
N GLN A 475 19.12 6.49 2.12
CA GLN A 475 19.97 7.29 1.24
C GLN A 475 19.11 8.21 0.40
N TYR A 476 18.31 7.66 -0.52
CA TYR A 476 17.23 8.43 -1.14
C TYR A 476 16.23 8.89 -0.06
N ALA A 477 16.18 8.11 1.03
CA ALA A 477 15.21 8.28 2.12
C ALA A 477 15.50 9.48 3.02
N GLU A 478 16.69 9.50 3.63
CA GLU A 478 17.04 10.61 4.52
C GLU A 478 17.31 11.86 3.69
N ASN A 479 17.65 11.64 2.44
CA ASN A 479 17.66 12.72 1.46
C ASN A 479 16.26 13.29 1.22
N ARG A 480 15.25 12.42 1.04
CA ARG A 480 13.84 12.84 1.02
C ARG A 480 13.43 13.67 2.23
N THR A 481 13.73 13.16 3.42
CA THR A 481 13.27 13.82 4.63
C THR A 481 13.82 15.23 4.71
N LYS A 482 15.15 15.36 4.69
CA LYS A 482 15.87 16.64 4.67
C LYS A 482 15.45 17.58 3.54
N LEU A 483 15.19 17.04 2.37
CA LEU A 483 14.65 17.87 1.29
C LEU A 483 13.32 18.58 1.72
N HIS A 484 12.36 17.83 2.26
CA HIS A 484 11.13 18.42 2.77
C HIS A 484 11.33 19.28 4.01
N ILE A 485 12.27 18.93 4.89
CA ILE A 485 12.54 19.80 5.99
C ILE A 485 12.98 21.19 5.46
N LYS A 486 13.94 21.19 4.54
CA LYS A 486 14.52 22.39 3.96
C LYS A 486 13.48 23.23 3.24
N ARG A 487 12.64 22.59 2.42
CA ARG A 487 11.58 23.31 1.76
C ARG A 487 10.65 24.00 2.79
N PHE A 488 10.33 23.31 3.88
CA PHE A 488 9.49 23.88 4.93
C PHE A 488 10.15 25.10 5.55
N LEU A 489 11.45 25.00 5.85
CA LEU A 489 12.14 26.11 6.51
C LEU A 489 12.28 27.35 5.61
N ASN A 490 12.49 27.12 4.32
CA ASN A 490 12.47 28.18 3.34
C ASN A 490 11.16 28.93 3.37
N LEU A 491 10.04 28.21 3.35
CA LEU A 491 8.76 28.92 3.38
C LEU A 491 8.56 29.63 4.72
N TYR A 492 9.02 29.00 5.79
CA TYR A 492 8.85 29.57 7.11
C TYR A 492 9.55 30.90 7.15
N ASP A 493 10.78 30.93 6.65
CA ASP A 493 11.59 32.14 6.60
C ASP A 493 11.00 33.26 5.76
N GLN A 494 10.50 32.93 4.58
CA GLN A 494 9.87 33.95 3.77
C GLN A 494 8.64 34.55 4.47
N LEU A 495 7.89 33.72 5.19
CA LEU A 495 6.62 34.14 5.76
C LEU A 495 6.89 35.07 6.92
N VAL A 496 7.73 34.59 7.82
CA VAL A 496 8.09 35.30 9.04
C VAL A 496 8.77 36.66 8.79
N SER A 497 9.11 36.95 7.55
CA SER A 497 9.89 38.15 7.26
C SER A 497 9.34 39.04 6.14
N GLY A 498 8.15 38.75 5.64
CA GLY A 498 7.55 39.59 4.61
C GLY A 498 7.98 39.29 3.19
N ARG A 499 9.00 38.46 3.03
CA ARG A 499 9.56 38.26 1.69
C ARG A 499 9.13 36.94 1.05
N ILE A 500 7.82 36.71 1.03
CA ILE A 500 7.31 35.54 0.31
C ILE A 500 7.78 35.61 -1.13
N ASP A 501 8.36 34.50 -1.60
CA ASP A 501 8.98 34.39 -2.89
C ASP A 501 8.06 33.53 -3.74
N GLU A 502 7.30 34.19 -4.59
CA GLU A 502 6.21 33.53 -5.23
C GLU A 502 6.57 32.47 -6.23
N GLU A 503 7.74 32.63 -6.85
CA GLU A 503 8.19 31.70 -7.88
C GLU A 503 8.69 30.39 -7.27
N MET A 504 9.43 30.50 -6.16
CA MET A 504 9.82 29.37 -5.37
C MET A 504 8.58 28.62 -4.84
N LEU A 505 7.63 29.36 -4.25
CA LEU A 505 6.37 28.78 -3.77
C LEU A 505 5.65 28.00 -4.85
N ARG A 506 5.58 28.55 -6.05
CA ARG A 506 4.94 27.85 -7.16
C ARG A 506 5.74 26.63 -7.56
N TYR A 507 7.05 26.67 -7.30
CA TYR A 507 7.89 25.55 -7.69
C TYR A 507 7.48 24.41 -6.75
N TYR A 508 7.61 24.64 -5.45
CA TYR A 508 7.10 23.75 -4.40
C TYR A 508 5.65 23.23 -4.59
N GLU A 509 4.71 24.12 -4.93
CA GLU A 509 3.33 23.69 -5.20
C GLU A 509 3.25 22.66 -6.33
N TRP A 510 4.21 22.74 -7.23
CA TRP A 510 4.22 21.93 -8.45
C TRP A 510 4.86 20.60 -8.21
N THR A 511 6.01 20.60 -7.54
CA THR A 511 6.73 19.36 -7.36
C THR A 511 6.14 18.51 -6.22
N ASP A 512 5.73 19.22 -5.16
CA ASP A 512 5.11 18.60 -3.98
C ASP A 512 3.64 18.98 -3.99
N ALA A 513 2.89 18.37 -4.90
CA ALA A 513 1.49 18.74 -5.20
C ALA A 513 0.40 17.89 -4.49
N ILE A 514 0.82 16.99 -3.58
CA ILE A 514 -0.03 15.98 -2.89
C ILE A 514 -1.55 16.26 -2.52
N PHE A 515 -1.85 17.12 -1.58
CA PHE A 515 -3.27 17.33 -1.23
C PHE A 515 -3.66 18.76 -1.66
N PRO A 516 -4.09 18.93 -2.91
CA PRO A 516 -4.47 20.25 -3.43
C PRO A 516 -5.53 20.98 -2.59
N GLU A 517 -6.42 20.21 -1.98
CA GLU A 517 -7.54 20.68 -1.19
C GLU A 517 -7.20 20.91 0.26
N ILE A 518 -5.94 20.73 0.65
CA ILE A 518 -5.61 20.83 2.07
C ILE A 518 -5.93 22.25 2.62
N ASN A 519 -6.05 22.34 3.93
CA ASN A 519 -6.25 23.60 4.56
C ASN A 519 -5.45 23.65 5.80
N PHE A 520 -4.50 24.57 5.91
CA PHE A 520 -3.54 24.58 7.01
C PHE A 520 -4.22 24.67 8.32
N ARG A 521 -5.50 25.11 8.30
CA ARG A 521 -6.26 25.33 9.54
C ARG A 521 -6.57 24.06 10.36
N VAL A 522 -6.56 22.88 9.69
CA VAL A 522 -6.49 21.61 10.45
C VAL A 522 -5.53 21.65 11.63
N MET A 523 -4.46 22.43 11.53
CA MET A 523 -3.43 22.42 12.61
C MET A 523 -3.76 23.32 13.77
N ALA A 524 -4.83 24.08 13.61
CA ALA A 524 -5.18 25.00 14.70
C ALA A 524 -6.30 24.44 15.63
N ARG A 525 -6.79 23.22 15.34
CA ARG A 525 -7.90 22.63 16.11
C ARG A 525 -7.51 22.23 17.50
N ASP A 526 -8.48 22.11 18.41
CA ASP A 526 -8.16 21.64 19.76
C ASP A 526 -7.82 20.15 19.77
N VAL A 527 -7.20 19.76 20.86
CA VAL A 527 -6.83 18.39 21.08
C VAL A 527 -7.26 17.99 22.49
N ILE A 528 -7.37 16.68 22.70
CA ILE A 528 -6.93 16.02 23.95
C ILE A 528 -7.84 14.89 24.47
#